data_9FLR
#
_entry.id   9FLR
#
_cell.length_a   70.045
_cell.length_b   77.250
_cell.length_c   86.158
_cell.angle_alpha   90.00
_cell.angle_beta   90.00
_cell.angle_gamma   90.00
#
_symmetry.space_group_name_H-M   'P 21 21 21'
#
loop_
_entity.id
_entity.type
_entity.pdbx_description
1 polymer 'Serine/threonine-protein kinase haspin'
2 non-polymer 'NICKEL (II) ION'
3 non-polymer (4S)-2-METHYL-2,4-PENTANEDIOL
4 non-polymer 5-(1-methylpyrazol-4-yl)-3-pyridin-4-yl-1~{H}-pyrazolo[1,5-a]pyrimidine
5 non-polymer 'SODIUM ION'
6 water water
#
_entity_poly.entity_id   1
_entity_poly.type   'polypeptide(L)'
_entity_poly.pdbx_seq_one_letter_code
;MHHHHHHSSGVDLGTENLYFQSMGECSQKGPVPFSHCLPTEKLQRCEKIGEGVFGEVFQTIADHTPVAIKIIAIEGPDLV
NGSHQKTFEEILPEIIISKELSLLSGEVCNRTEGFIGLNSVHCVQGSYPPLLLKAWDHYNSTKGSANDRPDFFKDDQLFI
VLEFEFGGIDLEQMRTKLSSLATAKSILHQLTASLAVAEASLRFEHRDLHWGNVLLKKTSLKKLHYTLNGKSSTIPSCGL
QVSIIDYTLSRLERDGIVVFCDVSMDEDLFTGDGDYQFDIYRLMKKENNNRWGEYHPYSNVLWLHYLTDKMLKQMTFKTK
CNTPAMKQIKRKIQEFHRTMLNFSSATDLLCQHSLFK
;
_entity_poly.pdbx_strand_id   A
#
# COMPACT_ATOMS: atom_id res chain seq x y z
N GLY A 30 -12.92 12.96 23.57
CA GLY A 30 -12.82 13.96 22.51
C GLY A 30 -11.50 13.92 21.75
N PRO A 31 -11.33 14.74 20.70
CA PRO A 31 -10.08 14.81 19.95
C PRO A 31 -8.92 15.35 20.79
N VAL A 32 -7.68 15.03 20.42
CA VAL A 32 -6.50 15.61 21.05
C VAL A 32 -5.90 16.70 20.15
N PRO A 33 -5.05 17.62 20.68
CA PRO A 33 -4.33 18.57 19.83
C PRO A 33 -3.23 17.87 19.02
N PHE A 34 -2.80 18.52 17.92
CA PHE A 34 -1.70 18.00 17.12
C PHE A 34 -0.48 17.69 17.99
N SER A 35 -0.27 18.53 19.02
CA SER A 35 0.92 18.40 19.88
C SER A 35 0.93 17.09 20.66
N HIS A 36 -0.21 16.43 20.82
CA HIS A 36 -0.22 15.12 21.44
C HIS A 36 0.52 14.12 20.57
N CYS A 37 0.27 14.18 19.27
CA CYS A 37 0.82 13.24 18.31
C CYS A 37 2.18 13.69 17.82
N LEU A 38 2.37 15.01 17.76
CA LEU A 38 3.55 15.61 17.18
C LEU A 38 4.09 16.68 18.10
N PRO A 39 4.74 16.31 19.23
CA PRO A 39 5.45 17.28 20.06
C PRO A 39 6.58 17.90 19.24
N THR A 40 7.14 19.01 19.74
CA THR A 40 8.04 19.86 18.97
C THR A 40 9.15 19.08 18.26
N GLU A 41 9.84 18.19 18.97
CA GLU A 41 11.02 17.54 18.41
C GLU A 41 10.61 16.61 17.26
N LYS A 42 9.50 15.88 17.46
CA LYS A 42 8.98 15.00 16.45
C LYS A 42 8.53 15.79 15.22
N LEU A 43 7.94 16.96 15.48
CA LEU A 43 7.41 17.82 14.45
C LEU A 43 8.58 18.39 13.64
N GLN A 44 9.67 18.80 14.31
CA GLN A 44 10.82 19.39 13.64
C GLN A 44 11.58 18.35 12.81
N ARG A 45 11.35 17.07 13.02
CA ARG A 45 12.00 16.08 12.17
C ARG A 45 11.04 15.59 11.08
N CYS A 46 9.87 16.20 10.90
CA CYS A 46 8.93 15.72 9.90
C CYS A 46 9.41 16.10 8.51
N GLU A 47 9.37 15.15 7.56
CA GLU A 47 9.63 15.41 6.15
C GLU A 47 8.50 14.76 5.37
N LYS A 48 7.94 15.46 4.39
CA LYS A 48 6.87 14.86 3.61
C LYS A 48 7.46 13.80 2.68
N ILE A 49 6.83 12.64 2.60
CA ILE A 49 7.34 11.57 1.77
C ILE A 49 6.28 11.14 0.76
N GLY A 50 5.02 11.51 0.93
CA GLY A 50 3.97 11.03 0.04
C GLY A 50 2.66 11.77 0.23
N GLU A 51 1.74 11.50 -0.68
CA GLU A 51 0.48 12.21 -0.72
C GLU A 51 -0.55 11.41 -1.52
N GLY A 52 -1.81 11.78 -1.38
CA GLY A 52 -2.89 11.36 -2.26
C GLY A 52 -4.05 12.31 -2.04
N VAL A 53 -5.16 12.03 -2.71
CA VAL A 53 -6.36 12.82 -2.55
C VAL A 53 -6.72 12.79 -1.07
N PHE A 54 -6.44 11.65 -0.40
CA PHE A 54 -6.76 11.49 1.01
C PHE A 54 -6.09 12.53 1.92
N GLY A 55 -4.92 13.04 1.53
CA GLY A 55 -4.12 13.85 2.45
C GLY A 55 -2.62 13.63 2.27
N GLU A 56 -1.87 13.49 3.39
CA GLU A 56 -0.42 13.75 3.37
C GLU A 56 0.26 12.66 4.19
N VAL A 57 1.47 12.29 3.78
CA VAL A 57 2.26 11.36 4.52
C VAL A 57 3.63 11.97 4.84
N PHE A 58 4.00 11.88 6.12
CA PHE A 58 5.25 12.43 6.63
C PHE A 58 6.03 11.30 7.28
N GLN A 59 7.33 11.48 7.29
CA GLN A 59 8.26 10.60 7.98
C GLN A 59 8.83 11.42 9.11
N THR A 60 9.05 10.78 10.27
CA THR A 60 9.69 11.40 11.39
C THR A 60 10.30 10.30 12.25
N ILE A 61 10.72 10.69 13.45
CA ILE A 61 11.38 9.81 14.42
C ILE A 61 10.53 9.92 15.70
N ALA A 62 10.10 8.78 16.23
CA ALA A 62 9.42 8.70 17.52
C ALA A 62 10.20 7.75 18.42
N ASP A 63 10.69 8.20 19.57
CA ASP A 63 11.47 7.32 20.46
C ASP A 63 12.56 6.61 19.65
N HIS A 64 13.41 7.41 18.99
CA HIS A 64 14.54 6.95 18.22
C HIS A 64 14.20 5.94 17.14
N THR A 65 12.93 5.89 16.72
CA THR A 65 12.46 4.90 15.77
C THR A 65 11.80 5.61 14.59
N PRO A 66 12.17 5.32 13.32
CA PRO A 66 11.47 5.92 12.17
C PRO A 66 10.02 5.50 12.12
N VAL A 67 9.13 6.46 11.85
CA VAL A 67 7.72 6.18 11.60
C VAL A 67 7.26 6.99 10.38
N ALA A 68 6.09 6.59 9.88
CA ALA A 68 5.37 7.32 8.84
C ALA A 68 4.00 7.69 9.38
N ILE A 69 3.58 8.94 9.13
CA ILE A 69 2.38 9.51 9.66
C ILE A 69 1.49 9.88 8.49
N LYS A 70 0.28 9.34 8.47
CA LYS A 70 -0.71 9.67 7.44
C LYS A 70 -1.80 10.52 8.08
N ILE A 71 -2.06 11.70 7.51
CA ILE A 71 -2.96 12.69 8.04
C ILE A 71 -4.10 12.94 7.06
N ILE A 72 -5.32 12.62 7.52
CA ILE A 72 -6.53 12.76 6.73
C ILE A 72 -7.45 13.76 7.42
N ALA A 73 -7.86 14.82 6.71
CA ALA A 73 -8.90 15.71 7.19
C ALA A 73 -10.25 15.01 7.18
N ILE A 74 -11.06 15.20 8.24
CA ILE A 74 -12.41 14.63 8.26
C ILE A 74 -13.44 15.63 8.79
N GLU A 75 -14.69 15.40 8.40
CA GLU A 75 -15.89 15.96 9.00
C GLU A 75 -16.12 17.43 8.62
N GLY A 76 -15.23 18.05 7.87
CA GLY A 76 -15.41 19.45 7.54
C GLY A 76 -16.12 19.63 6.20
N PRO A 77 -16.55 20.88 5.88
CA PRO A 77 -17.24 21.16 4.62
C PRO A 77 -16.34 21.56 3.45
N ASP A 78 -15.06 21.88 3.67
CA ASP A 78 -14.21 22.34 2.58
C ASP A 78 -13.77 21.18 1.66
N LEU A 79 -13.58 21.52 0.38
CA LEU A 79 -13.03 20.63 -0.61
C LEU A 79 -11.56 20.45 -0.28
N VAL A 80 -11.10 19.19 -0.33
CA VAL A 80 -9.70 18.89 -0.09
C VAL A 80 -9.21 18.01 -1.23
N ASN A 81 -8.29 18.57 -2.05
CA ASN A 81 -7.66 17.86 -3.16
C ASN A 81 -8.73 17.38 -4.15
N GLY A 82 -9.76 18.19 -4.36
CA GLY A 82 -10.79 17.91 -5.33
C GLY A 82 -11.98 17.16 -4.78
N SER A 83 -11.93 16.68 -3.52
CA SER A 83 -13.01 15.85 -2.96
C SER A 83 -13.54 16.45 -1.67
N HIS A 84 -14.79 16.08 -1.35
CA HIS A 84 -15.35 16.32 -0.04
C HIS A 84 -14.66 15.41 0.96
N GLN A 85 -14.52 15.90 2.20
CA GLN A 85 -13.93 15.14 3.29
C GLN A 85 -14.85 13.99 3.71
N LYS A 86 -14.25 12.86 4.04
CA LYS A 86 -15.00 11.78 4.65
C LYS A 86 -15.43 12.18 6.06
N THR A 87 -16.52 11.55 6.50
CA THR A 87 -16.97 11.57 7.88
C THR A 87 -16.19 10.52 8.66
N PHE A 88 -16.33 10.55 9.98
CA PHE A 88 -15.66 9.57 10.82
C PHE A 88 -16.10 8.17 10.39
N GLU A 89 -17.41 8.00 10.13
CA GLU A 89 -17.99 6.70 9.79
C GLU A 89 -17.35 6.20 8.50
N GLU A 90 -17.11 7.11 7.56
CA GLU A 90 -16.56 6.71 6.28
C GLU A 90 -15.07 6.42 6.37
N ILE A 91 -14.35 6.91 7.37
CA ILE A 91 -12.93 6.63 7.47
C ILE A 91 -12.65 5.37 8.30
N LEU A 92 -13.60 4.98 9.13
CA LEU A 92 -13.47 3.80 9.98
C LEU A 92 -13.06 2.52 9.25
N PRO A 93 -13.59 2.20 8.05
CA PRO A 93 -13.15 1.02 7.31
C PRO A 93 -11.64 0.91 7.18
N GLU A 94 -11.04 1.99 6.71
CA GLU A 94 -9.62 2.00 6.53
C GLU A 94 -8.87 1.82 7.86
N ILE A 95 -9.40 2.36 8.96
CA ILE A 95 -8.78 2.18 10.27
C ILE A 95 -8.83 0.72 10.65
N ILE A 96 -10.01 0.12 10.50
CA ILE A 96 -10.18 -1.29 10.83
C ILE A 96 -9.25 -2.15 9.99
N ILE A 97 -9.22 -1.88 8.69
CA ILE A 97 -8.40 -2.68 7.79
C ILE A 97 -6.92 -2.55 8.16
N SER A 98 -6.46 -1.33 8.43
CA SER A 98 -5.05 -1.13 8.85
C SER A 98 -4.71 -1.96 10.09
N LYS A 99 -5.63 -1.96 11.07
CA LYS A 99 -5.45 -2.73 12.29
C LYS A 99 -5.35 -4.22 11.99
N GLU A 100 -6.29 -4.76 11.21
CA GLU A 100 -6.31 -6.20 10.89
C GLU A 100 -5.05 -6.63 10.14
N LEU A 101 -4.59 -5.84 9.19
CA LEU A 101 -3.40 -6.23 8.41
C LEU A 101 -2.12 -6.15 9.22
N SER A 102 -2.06 -5.16 10.10
CA SER A 102 -0.95 -5.06 11.06
C SER A 102 -0.84 -6.29 11.95
N LEU A 103 -1.98 -6.85 12.39
CA LEU A 103 -1.99 -8.01 13.27
C LEU A 103 -1.45 -9.28 12.60
N LEU A 104 -1.46 -9.36 11.28
CA LEU A 104 -1.05 -10.56 10.61
C LEU A 104 0.41 -10.89 10.88
N SER A 105 1.22 -9.90 11.26
CA SER A 105 2.62 -10.19 11.58
C SER A 105 2.76 -11.07 12.82
N GLY A 106 1.80 -11.03 13.75
CA GLY A 106 1.91 -11.78 14.99
C GLY A 106 0.97 -12.99 15.05
N GLU A 107 0.28 -13.29 13.96
CA GLU A 107 -0.60 -14.44 13.94
C GLU A 107 0.21 -15.71 13.64
N VAL A 108 -0.49 -16.86 13.62
CA VAL A 108 0.17 -18.16 13.54
C VAL A 108 -0.28 -18.92 12.31
N CYS A 109 -1.59 -19.10 12.17
CA CYS A 109 -2.12 -19.92 11.10
C CYS A 109 -2.03 -19.20 9.76
N ASN A 110 -2.30 -17.91 9.78
CA ASN A 110 -2.17 -17.08 8.61
C ASN A 110 -1.36 -15.85 9.02
N ARG A 111 -0.09 -15.90 8.65
CA ARG A 111 0.89 -14.98 9.18
C ARG A 111 1.73 -14.44 8.03
N THR A 112 1.88 -13.11 8.00
CA THR A 112 2.76 -12.43 7.04
C THR A 112 3.21 -11.10 7.65
N GLU A 113 4.49 -10.73 7.43
CA GLU A 113 4.95 -9.38 7.74
C GLU A 113 4.87 -8.45 6.54
N GLY A 114 4.15 -8.87 5.51
CA GLY A 114 4.17 -8.23 4.20
C GLY A 114 3.24 -7.02 4.08
N PHE A 115 2.46 -6.71 5.12
CA PHE A 115 1.80 -5.41 5.20
C PHE A 115 2.71 -4.47 5.98
N ILE A 116 2.11 -3.61 6.81
CA ILE A 116 2.82 -2.55 7.54
C ILE A 116 2.23 -2.50 8.93
N GLY A 117 3.11 -2.34 9.95
CA GLY A 117 2.66 -2.18 11.32
C GLY A 117 1.93 -0.84 11.51
N LEU A 118 0.85 -0.87 12.30
CA LEU A 118 0.11 0.29 12.74
C LEU A 118 0.41 0.51 14.20
N ASN A 119 0.97 1.66 14.53
CA ASN A 119 1.35 1.94 15.91
C ASN A 119 0.21 2.60 16.67
N SER A 120 -0.47 3.56 16.04
CA SER A 120 -1.50 4.27 16.75
C SER A 120 -2.41 4.97 15.76
N VAL A 121 -3.58 5.29 16.27
CA VAL A 121 -4.55 6.11 15.58
C VAL A 121 -5.06 7.14 16.54
N HIS A 122 -5.12 8.40 16.10
CA HIS A 122 -5.71 9.46 16.89
C HIS A 122 -6.67 10.26 16.04
N CYS A 123 -7.64 10.85 16.72
CA CYS A 123 -8.41 11.96 16.15
C CYS A 123 -7.86 13.25 16.73
N VAL A 124 -7.39 14.14 15.84
CA VAL A 124 -6.67 15.35 16.18
C VAL A 124 -7.53 16.53 15.75
N GLN A 125 -7.50 17.60 16.55
CA GLN A 125 -8.18 18.85 16.24
C GLN A 125 -7.17 19.98 16.26
N GLY A 126 -7.23 20.80 15.21
CA GLY A 126 -6.50 22.04 15.14
C GLY A 126 -6.26 22.47 13.70
N SER A 127 -5.59 23.59 13.52
CA SER A 127 -5.10 23.97 12.19
C SER A 127 -3.81 23.22 11.90
N TYR A 128 -3.42 23.24 10.63
CA TYR A 128 -2.27 22.47 10.23
C TYR A 128 -1.05 23.10 10.86
N PRO A 129 -0.18 22.35 11.56
CA PRO A 129 1.04 22.93 12.12
C PRO A 129 1.92 23.60 11.06
N PRO A 130 2.35 24.87 11.30
CA PRO A 130 3.30 25.52 10.41
C PRO A 130 4.51 24.69 10.02
N LEU A 131 5.01 23.81 10.90
CA LEU A 131 6.19 23.03 10.56
C LEU A 131 5.83 21.96 9.53
N LEU A 132 4.61 21.42 9.60
CA LEU A 132 4.20 20.48 8.58
C LEU A 132 4.01 21.18 7.23
N LEU A 133 3.48 22.41 7.22
CA LEU A 133 3.36 23.21 6.02
C LEU A 133 4.73 23.51 5.42
N LYS A 134 5.74 23.73 6.27
CA LYS A 134 7.08 23.96 5.75
C LYS A 134 7.61 22.69 5.09
N ALA A 135 7.38 21.52 5.68
CA ALA A 135 7.79 20.28 5.06
C ALA A 135 6.98 20.00 3.77
N TRP A 136 5.70 20.34 3.76
CA TRP A 136 4.87 20.24 2.56
C TRP A 136 5.45 21.08 1.42
N ASP A 137 5.79 22.33 1.74
CA ASP A 137 6.34 23.32 0.81
C ASP A 137 7.64 22.82 0.20
N HIS A 138 8.48 22.21 1.04
CA HIS A 138 9.76 21.68 0.59
C HIS A 138 9.54 20.55 -0.40
N TYR A 139 8.57 19.67 -0.13
CA TYR A 139 8.25 18.60 -1.06
C TYR A 139 7.70 19.17 -2.37
N ASN A 140 6.90 20.24 -2.30
CA ASN A 140 6.32 20.84 -3.48
C ASN A 140 7.44 21.43 -4.34
N SER A 141 8.44 22.06 -3.71
CA SER A 141 9.55 22.68 -4.40
C SER A 141 10.44 21.65 -5.11
N THR A 142 10.60 20.47 -4.54
CA THR A 142 11.58 19.51 -4.99
C THR A 142 10.92 18.44 -5.86
N LYS A 143 9.69 18.05 -5.55
CA LYS A 143 9.03 16.99 -6.30
C LYS A 143 7.76 17.46 -6.99
N GLY A 144 7.15 18.57 -6.52
CA GLY A 144 5.87 19.02 -7.04
C GLY A 144 4.70 18.25 -6.41
N SER A 145 3.59 18.95 -6.16
CA SER A 145 2.44 18.35 -5.52
C SER A 145 1.20 18.43 -6.41
N ALA A 146 0.31 17.43 -6.35
CA ALA A 146 -1.02 17.47 -6.95
C ALA A 146 -2.07 17.95 -5.95
N ASN A 147 -1.67 18.31 -4.72
CA ASN A 147 -2.62 18.59 -3.65
C ASN A 147 -2.69 20.09 -3.39
N ASP A 148 -3.77 20.48 -2.70
CA ASP A 148 -3.89 21.84 -2.20
C ASP A 148 -3.00 21.99 -0.96
N ARG A 149 -2.30 23.11 -0.87
CA ARG A 149 -1.56 23.43 0.32
C ARG A 149 -2.57 23.42 1.45
N PRO A 150 -2.33 22.58 2.47
CA PRO A 150 -3.30 22.41 3.56
C PRO A 150 -3.24 23.49 4.64
N ASP A 151 -3.37 24.74 4.23
CA ASP A 151 -3.20 25.89 5.11
C ASP A 151 -4.53 26.57 5.41
N PHE A 152 -5.65 25.99 4.97
CA PHE A 152 -6.93 26.69 5.03
C PHE A 152 -7.77 26.06 6.15
N PHE A 153 -7.24 25.10 6.86
CA PHE A 153 -8.01 24.45 7.92
C PHE A 153 -8.03 25.33 9.17
N LYS A 154 -9.19 25.42 9.80
CA LYS A 154 -9.35 26.25 10.99
C LYS A 154 -8.94 25.43 12.22
N ASP A 155 -8.89 26.11 13.37
CA ASP A 155 -8.44 25.47 14.61
C ASP A 155 -9.50 24.51 15.17
N ASP A 156 -10.72 24.42 14.60
CA ASP A 156 -11.66 23.35 14.98
C ASP A 156 -11.65 22.15 14.03
N GLN A 157 -10.73 22.13 13.07
CA GLN A 157 -10.73 21.06 12.07
C GLN A 157 -10.34 19.74 12.71
N LEU A 158 -11.09 18.66 12.37
CA LEU A 158 -10.70 17.32 12.75
C LEU A 158 -9.89 16.61 11.67
N PHE A 159 -8.97 15.75 12.15
CA PHE A 159 -8.15 14.90 11.33
C PHE A 159 -8.06 13.53 11.98
N ILE A 160 -7.83 12.50 11.17
CA ILE A 160 -7.36 11.22 11.66
C ILE A 160 -5.89 11.20 11.35
N VAL A 161 -5.09 10.78 12.35
CA VAL A 161 -3.65 10.64 12.21
C VAL A 161 -3.33 9.18 12.50
N LEU A 162 -2.79 8.51 11.49
CA LEU A 162 -2.38 7.13 11.63
C LEU A 162 -0.87 7.12 11.68
N GLU A 163 -0.32 6.46 12.70
CA GLU A 163 1.12 6.32 12.73
C GLU A 163 1.51 4.88 12.44
N PHE A 164 2.37 4.71 11.43
CA PHE A 164 2.80 3.43 10.91
C PHE A 164 4.29 3.26 11.13
N GLU A 165 4.70 2.00 11.30
CA GLU A 165 6.07 1.57 11.09
C GLU A 165 6.60 2.13 9.75
N PHE A 166 7.90 2.47 9.72
CA PHE A 166 8.53 2.95 8.51
C PHE A 166 8.87 1.73 7.66
N GLY A 167 8.34 1.64 6.43
CA GLY A 167 8.41 0.43 5.60
C GLY A 167 9.51 0.46 4.53
N GLY A 168 10.21 1.59 4.42
CA GLY A 168 11.25 1.76 3.40
C GLY A 168 10.84 2.72 2.27
N ILE A 169 11.32 2.44 1.06
CA ILE A 169 11.16 3.30 -0.11
C ILE A 169 10.25 2.59 -1.10
N ASP A 170 9.41 3.33 -1.83
CA ASP A 170 8.42 2.69 -2.69
C ASP A 170 9.10 2.17 -3.97
N LEU A 171 8.43 1.23 -4.63
CA LEU A 171 9.02 0.57 -5.80
C LEU A 171 9.26 1.54 -6.97
N GLU A 172 8.33 2.49 -7.14
CA GLU A 172 8.46 3.49 -8.19
C GLU A 172 9.78 4.26 -8.07
N GLN A 173 10.09 4.72 -6.86
CA GLN A 173 11.32 5.45 -6.60
C GLN A 173 12.50 4.52 -6.71
N MET A 174 12.28 3.22 -6.76
CA MET A 174 13.40 2.24 -6.87
C MET A 174 13.47 1.64 -8.28
N ARG A 175 12.73 2.19 -9.24
CA ARG A 175 12.71 1.74 -10.65
C ARG A 175 14.10 1.40 -11.17
N THR A 176 15.10 2.22 -10.85
CA THR A 176 16.45 2.02 -11.44
C THR A 176 17.48 1.60 -10.39
N LYS A 177 17.04 1.00 -9.28
CA LYS A 177 18.00 0.72 -8.22
C LYS A 177 18.07 -0.76 -7.87
N LEU A 178 17.16 -1.59 -8.36
CA LEU A 178 17.15 -2.99 -7.96
C LEU A 178 18.29 -3.72 -8.67
N SER A 179 18.75 -4.76 -8.01
CA SER A 179 19.95 -5.44 -8.44
C SER A 179 19.72 -6.22 -9.75
N SER A 180 18.66 -7.04 -9.80
CA SER A 180 18.45 -7.97 -10.90
C SER A 180 16.99 -8.38 -10.94
N LEU A 181 16.66 -9.17 -11.96
CA LEU A 181 15.33 -9.74 -12.09
C LEU A 181 15.06 -10.79 -11.00
N ALA A 182 16.11 -11.34 -10.40
CA ALA A 182 15.97 -12.21 -9.24
C ALA A 182 15.33 -11.43 -8.07
N THR A 183 15.66 -10.15 -7.96
CA THR A 183 15.06 -9.31 -6.94
C THR A 183 13.58 -9.12 -7.27
N ALA A 184 13.31 -8.86 -8.54
CA ALA A 184 11.96 -8.63 -9.01
C ALA A 184 11.09 -9.86 -8.73
N LYS A 185 11.65 -11.05 -8.98
CA LYS A 185 10.92 -12.28 -8.68
C LYS A 185 10.62 -12.38 -7.17
N SER A 186 11.63 -12.08 -6.32
CA SER A 186 11.43 -12.08 -4.88
C SER A 186 10.32 -11.11 -4.48
N ILE A 187 10.35 -9.89 -5.03
CA ILE A 187 9.29 -8.94 -4.75
C ILE A 187 7.92 -9.52 -5.11
N LEU A 188 7.79 -10.12 -6.29
CA LEU A 188 6.49 -10.63 -6.74
C LEU A 188 5.98 -11.77 -5.84
N HIS A 189 6.91 -12.63 -5.40
CA HIS A 189 6.61 -13.77 -4.55
C HIS A 189 6.09 -13.24 -3.20
N GLN A 190 6.81 -12.27 -2.67
CA GLN A 190 6.50 -11.67 -1.39
C GLN A 190 5.13 -11.05 -1.45
N LEU A 191 4.85 -10.28 -2.52
CA LEU A 191 3.55 -9.65 -2.66
C LEU A 191 2.43 -10.67 -2.76
N THR A 192 2.65 -11.70 -3.59
CA THR A 192 1.66 -12.74 -3.80
C THR A 192 1.36 -13.48 -2.50
N ALA A 193 2.41 -13.81 -1.74
CA ALA A 193 2.22 -14.55 -0.51
C ALA A 193 1.47 -13.68 0.49
N SER A 194 1.82 -12.39 0.58
CA SER A 194 1.14 -11.53 1.55
C SER A 194 -0.34 -11.44 1.25
N LEU A 195 -0.67 -11.20 -0.02
CA LEU A 195 -2.04 -11.10 -0.45
C LEU A 195 -2.77 -12.41 -0.24
N ALA A 196 -2.11 -13.55 -0.49
CA ALA A 196 -2.77 -14.83 -0.28
C ALA A 196 -3.11 -15.01 1.20
N VAL A 197 -2.17 -14.70 2.10
CA VAL A 197 -2.41 -14.85 3.54
C VAL A 197 -3.57 -13.94 3.98
N ALA A 198 -3.65 -12.72 3.44
CA ALA A 198 -4.79 -11.85 3.76
C ALA A 198 -6.11 -12.35 3.14
N GLU A 199 -6.04 -12.92 1.95
CA GLU A 199 -7.22 -13.54 1.34
C GLU A 199 -7.72 -14.64 2.26
N ALA A 200 -6.82 -15.51 2.72
CA ALA A 200 -7.20 -16.69 3.48
C ALA A 200 -7.81 -16.29 4.80
N SER A 201 -7.23 -15.29 5.46
N SER A 201 -7.23 -15.28 5.44
CA SER A 201 -7.63 -14.91 6.80
CA SER A 201 -7.63 -14.92 6.79
C SER A 201 -8.80 -13.93 6.80
C SER A 201 -8.78 -13.92 6.82
N LEU A 202 -8.83 -13.03 5.82
CA LEU A 202 -9.70 -11.83 5.88
C LEU A 202 -10.51 -11.58 4.59
N ARG A 203 -10.38 -12.42 3.54
CA ARG A 203 -11.07 -12.19 2.26
C ARG A 203 -10.76 -10.77 1.81
N PHE A 204 -9.47 -10.48 1.87
CA PHE A 204 -8.93 -9.15 1.61
C PHE A 204 -8.68 -8.89 0.12
N GLU A 205 -9.08 -7.67 -0.31
CA GLU A 205 -8.63 -7.09 -1.57
C GLU A 205 -8.00 -5.74 -1.29
N HIS A 206 -6.82 -5.51 -1.89
CA HIS A 206 -6.15 -4.24 -1.76
C HIS A 206 -6.86 -3.12 -2.52
N ARG A 207 -7.12 -3.40 -3.79
CA ARG A 207 -7.86 -2.59 -4.76
C ARG A 207 -7.13 -1.32 -5.23
N ASP A 208 -5.89 -1.07 -4.84
CA ASP A 208 -5.16 0.10 -5.31
C ASP A 208 -3.66 -0.09 -5.19
N LEU A 209 -3.17 -1.25 -5.66
CA LEU A 209 -1.80 -1.65 -5.39
C LEU A 209 -0.89 -1.23 -6.56
N HIS A 210 -0.84 0.08 -6.80
CA HIS A 210 0.09 0.69 -7.73
C HIS A 210 1.46 0.69 -7.08
N TRP A 211 2.49 1.04 -7.87
CA TRP A 211 3.84 0.78 -7.44
C TRP A 211 4.34 1.81 -6.44
N GLY A 212 3.57 2.89 -6.20
CA GLY A 212 3.83 3.73 -5.03
C GLY A 212 3.46 3.05 -3.69
N ASN A 213 2.64 1.97 -3.71
CA ASN A 213 2.13 1.35 -2.49
C ASN A 213 2.87 0.05 -2.13
N VAL A 214 3.99 -0.20 -2.82
CA VAL A 214 4.90 -1.28 -2.53
C VAL A 214 6.18 -0.68 -1.94
N LEU A 215 6.48 -0.96 -0.66
CA LEU A 215 7.70 -0.47 -0.04
C LEU A 215 8.72 -1.59 0.04
N LEU A 216 9.98 -1.18 -0.05
CA LEU A 216 11.12 -2.05 0.06
C LEU A 216 12.05 -1.53 1.16
N LYS A 217 12.60 -2.45 1.94
CA LYS A 217 13.53 -2.16 3.00
C LYS A 217 14.57 -3.25 2.99
N LYS A 218 15.83 -2.89 3.26
CA LYS A 218 16.91 -3.86 3.25
C LYS A 218 16.69 -4.80 4.44
N THR A 219 17.14 -6.04 4.33
CA THR A 219 17.08 -6.99 5.43
C THR A 219 18.32 -7.87 5.28
N SER A 220 18.88 -8.36 6.38
CA SER A 220 19.97 -9.30 6.28
C SER A 220 19.47 -10.74 6.33
N LEU A 221 18.17 -10.94 6.52
CA LEU A 221 17.60 -12.28 6.41
C LEU A 221 17.70 -12.74 4.96
N LYS A 222 18.15 -13.98 4.74
CA LYS A 222 18.20 -14.59 3.42
C LYS A 222 16.85 -15.19 3.05
N LYS A 223 16.06 -15.62 4.04
CA LYS A 223 14.78 -16.28 3.80
C LYS A 223 13.74 -15.58 4.64
N LEU A 224 12.62 -15.19 4.05
CA LEU A 224 11.49 -14.66 4.79
C LEU A 224 10.47 -15.79 4.94
N HIS A 225 9.66 -15.73 6.02
CA HIS A 225 8.73 -16.80 6.35
C HIS A 225 7.32 -16.26 6.32
N TYR A 226 6.40 -17.08 5.85
CA TYR A 226 4.98 -16.82 5.96
C TYR A 226 4.29 -18.14 6.33
N THR A 227 3.05 -18.02 6.80
CA THR A 227 2.24 -19.20 7.03
C THR A 227 0.87 -18.98 6.42
N LEU A 228 0.44 -19.97 5.61
CA LEU A 228 -0.85 -19.93 4.94
C LEU A 228 -1.69 -21.13 5.36
N ASN A 229 -2.82 -20.84 6.01
CA ASN A 229 -3.70 -21.87 6.58
C ASN A 229 -2.89 -22.96 7.25
N GLY A 230 -1.93 -22.53 8.07
CA GLY A 230 -1.16 -23.41 8.93
C GLY A 230 0.04 -24.07 8.28
N LYS A 231 0.27 -23.89 6.96
CA LYS A 231 1.44 -24.40 6.26
C LYS A 231 2.44 -23.25 6.08
N SER A 232 3.62 -23.39 6.71
CA SER A 232 4.69 -22.43 6.67
C SER A 232 5.57 -22.62 5.45
N SER A 233 6.03 -21.53 4.85
CA SER A 233 6.99 -21.68 3.76
C SER A 233 7.92 -20.48 3.74
N THR A 234 8.89 -20.52 2.84
CA THR A 234 9.89 -19.46 2.84
C THR A 234 10.02 -18.85 1.45
N ILE A 235 10.59 -17.65 1.41
CA ILE A 235 10.83 -16.92 0.18
C ILE A 235 12.25 -16.37 0.24
N PRO A 236 13.16 -16.64 -0.73
CA PRO A 236 14.46 -15.94 -0.73
C PRO A 236 14.22 -14.43 -0.82
N SER A 237 14.87 -13.67 0.05
CA SER A 237 14.63 -12.24 0.18
C SER A 237 15.34 -11.43 -0.91
N CYS A 238 16.50 -11.91 -1.38
CA CYS A 238 17.40 -11.06 -2.15
C CYS A 238 17.67 -9.74 -1.43
N GLY A 239 17.62 -9.75 -0.09
CA GLY A 239 18.10 -8.65 0.73
C GLY A 239 17.05 -7.56 0.92
N LEU A 240 15.80 -7.81 0.49
CA LEU A 240 14.73 -6.85 0.67
C LEU A 240 13.52 -7.53 1.32
N GLN A 241 12.82 -6.71 2.10
CA GLN A 241 11.51 -7.09 2.61
C GLN A 241 10.50 -6.08 2.08
N VAL A 242 9.40 -6.61 1.53
CA VAL A 242 8.33 -5.83 0.95
C VAL A 242 7.25 -5.54 2.00
N SER A 243 6.74 -4.29 2.00
CA SER A 243 5.56 -3.93 2.76
C SER A 243 4.56 -3.32 1.80
N ILE A 244 3.33 -3.84 1.83
CA ILE A 244 2.20 -3.30 1.11
C ILE A 244 1.51 -2.25 2.01
N ILE A 245 1.18 -1.08 1.44
CA ILE A 245 0.64 0.03 2.20
C ILE A 245 -0.59 0.60 1.51
N ASP A 246 -1.22 1.55 2.21
CA ASP A 246 -2.32 2.39 1.75
C ASP A 246 -3.62 1.62 1.49
N TYR A 247 -4.46 1.51 2.52
CA TYR A 247 -5.68 0.71 2.49
C TYR A 247 -6.93 1.57 2.25
N THR A 248 -6.76 2.74 1.62
CA THR A 248 -7.83 3.68 1.33
C THR A 248 -8.96 2.99 0.56
N LEU A 249 -8.68 2.14 -0.43
CA LEU A 249 -9.74 1.52 -1.19
C LEU A 249 -10.02 0.06 -0.81
N SER A 250 -9.34 -0.46 0.21
CA SER A 250 -9.28 -1.89 0.44
C SER A 250 -10.61 -2.41 1.01
N ARG A 251 -10.75 -3.75 0.99
CA ARG A 251 -11.92 -4.47 1.43
C ARG A 251 -11.49 -5.73 2.17
N LEU A 252 -12.25 -6.04 3.23
CA LEU A 252 -12.10 -7.34 3.87
C LEU A 252 -13.38 -7.64 4.63
N GLU A 253 -13.43 -8.82 5.24
CA GLU A 253 -14.56 -9.16 6.09
C GLU A 253 -14.09 -10.05 7.21
N ARG A 254 -14.87 -10.03 8.30
CA ARG A 254 -14.68 -10.97 9.42
C ARG A 254 -16.07 -11.33 9.93
N ASP A 255 -16.31 -12.64 10.04
CA ASP A 255 -17.53 -13.19 10.60
C ASP A 255 -18.76 -12.65 9.85
N GLY A 256 -18.61 -12.49 8.52
CA GLY A 256 -19.69 -12.02 7.66
C GLY A 256 -19.91 -10.51 7.73
N ILE A 257 -19.05 -9.75 8.39
CA ILE A 257 -19.20 -8.30 8.38
C ILE A 257 -18.15 -7.75 7.43
N VAL A 258 -18.61 -7.02 6.41
CA VAL A 258 -17.75 -6.55 5.33
C VAL A 258 -17.39 -5.10 5.63
N VAL A 259 -16.12 -4.78 5.45
CA VAL A 259 -15.59 -3.44 5.60
C VAL A 259 -14.92 -3.06 4.28
N PHE A 260 -15.30 -1.91 3.72
CA PHE A 260 -14.84 -1.53 2.39
C PHE A 260 -15.12 -0.06 2.08
N CYS A 261 -14.50 0.42 0.98
CA CYS A 261 -14.71 1.75 0.44
C CYS A 261 -15.64 1.65 -0.76
N ASP A 262 -16.82 2.23 -0.60
CA ASP A 262 -17.79 2.14 -1.67
C ASP A 262 -17.49 3.22 -2.72
N VAL A 263 -17.03 2.79 -3.90
CA VAL A 263 -16.67 3.71 -4.96
C VAL A 263 -17.61 3.58 -6.14
N SER A 264 -18.80 2.97 -5.93
CA SER A 264 -19.71 2.64 -7.01
C SER A 264 -20.25 3.88 -7.75
N MET A 265 -20.30 5.02 -7.05
CA MET A 265 -20.82 6.29 -7.55
C MET A 265 -19.65 7.25 -7.83
N ASP A 266 -18.42 6.73 -7.89
CA ASP A 266 -17.28 7.60 -8.17
C ASP A 266 -17.13 7.67 -9.68
N GLU A 267 -16.82 8.87 -10.20
CA GLU A 267 -16.78 9.07 -11.65
C GLU A 267 -15.34 8.91 -12.13
N ASP A 268 -14.51 9.77 -11.53
CA ASP A 268 -13.14 10.03 -11.94
C ASP A 268 -12.25 8.80 -11.77
N LEU A 269 -12.50 7.96 -10.74
CA LEU A 269 -11.65 6.80 -10.51
C LEU A 269 -11.54 5.95 -11.76
N PHE A 270 -12.59 5.90 -12.59
CA PHE A 270 -12.67 4.99 -13.73
C PHE A 270 -12.42 5.69 -15.08
N THR A 271 -11.96 6.94 -15.07
CA THR A 271 -11.81 7.71 -16.30
C THR A 271 -10.35 8.11 -16.53
N GLY A 272 -9.39 7.52 -15.82
CA GLY A 272 -7.99 7.89 -15.99
C GLY A 272 -7.41 7.26 -17.26
N ASP A 273 -6.27 7.77 -17.72
CA ASP A 273 -5.55 7.13 -18.82
C ASP A 273 -4.09 7.54 -18.77
N GLY A 274 -3.28 6.88 -19.61
CA GLY A 274 -1.85 7.14 -19.70
C GLY A 274 -1.02 6.15 -18.87
N ASP A 275 -1.66 5.15 -18.28
CA ASP A 275 -0.97 4.17 -17.46
C ASP A 275 -1.95 3.00 -17.28
N TYR A 276 -1.45 1.79 -17.41
CA TYR A 276 -2.24 0.60 -17.17
C TYR A 276 -2.91 0.62 -15.80
N GLN A 277 -2.29 1.27 -14.82
CA GLN A 277 -2.90 1.49 -13.52
C GLN A 277 -4.38 1.87 -13.68
N PHE A 278 -4.69 2.77 -14.62
CA PHE A 278 -6.02 3.34 -14.73
C PHE A 278 -6.98 2.35 -15.38
N ASP A 279 -6.46 1.42 -16.17
CA ASP A 279 -7.27 0.33 -16.66
C ASP A 279 -7.66 -0.62 -15.52
N ILE A 280 -6.77 -0.82 -14.54
CA ILE A 280 -7.10 -1.77 -13.48
C ILE A 280 -8.39 -1.35 -12.78
N TYR A 281 -8.55 -0.07 -12.50
CA TYR A 281 -9.75 0.39 -11.83
C TYR A 281 -10.98 0.00 -12.66
N ARG A 282 -10.90 0.13 -14.00
CA ARG A 282 -12.02 -0.24 -14.85
C ARG A 282 -12.17 -1.76 -14.91
N LEU A 283 -11.08 -2.51 -14.93
CA LEU A 283 -11.22 -3.97 -14.98
C LEU A 283 -11.76 -4.51 -13.65
N MET A 284 -11.51 -3.81 -12.54
CA MET A 284 -12.06 -4.22 -11.25
C MET A 284 -13.56 -4.03 -11.28
N LYS A 285 -14.01 -2.91 -11.84
CA LYS A 285 -15.42 -2.58 -11.92
C LYS A 285 -16.15 -3.55 -12.83
N LYS A 286 -15.50 -3.98 -13.91
CA LYS A 286 -16.02 -5.01 -14.77
C LYS A 286 -16.12 -6.34 -14.03
N GLU A 287 -15.04 -6.78 -13.35
CA GLU A 287 -15.05 -8.03 -12.58
C GLU A 287 -16.17 -8.07 -11.53
N ASN A 288 -16.44 -6.96 -10.83
CA ASN A 288 -17.34 -6.96 -9.68
C ASN A 288 -18.70 -6.32 -10.00
N ASN A 289 -18.94 -5.92 -11.26
CA ASN A 289 -20.24 -5.42 -11.67
C ASN A 289 -20.64 -4.22 -10.83
N ASN A 290 -19.62 -3.47 -10.40
CA ASN A 290 -19.73 -2.24 -9.62
C ASN A 290 -20.34 -2.49 -8.23
N ARG A 291 -20.26 -3.75 -7.75
CA ARG A 291 -20.73 -4.09 -6.42
C ARG A 291 -19.52 -4.33 -5.51
N TRP A 292 -19.12 -3.27 -4.79
CA TRP A 292 -17.81 -3.24 -4.14
C TRP A 292 -17.80 -3.95 -2.78
N GLY A 293 -18.96 -4.35 -2.29
CA GLY A 293 -19.07 -5.11 -1.05
C GLY A 293 -18.73 -6.58 -1.23
N GLU A 294 -18.92 -7.09 -2.45
CA GLU A 294 -18.65 -8.49 -2.70
C GLU A 294 -17.15 -8.77 -2.64
N TYR A 295 -16.84 -10.05 -2.55
CA TYR A 295 -15.45 -10.48 -2.51
C TYR A 295 -15.05 -10.91 -3.91
N HIS A 296 -14.05 -10.24 -4.50
CA HIS A 296 -13.55 -10.63 -5.82
C HIS A 296 -12.04 -10.63 -5.76
N PRO A 297 -11.42 -11.74 -5.32
CA PRO A 297 -9.97 -11.73 -5.11
C PRO A 297 -9.21 -11.64 -6.42
N TYR A 298 -9.94 -11.75 -7.54
CA TYR A 298 -9.39 -11.49 -8.85
C TYR A 298 -8.78 -10.09 -8.93
N SER A 299 -9.31 -9.13 -8.15
CA SER A 299 -8.73 -7.80 -8.13
C SER A 299 -7.27 -7.86 -7.67
N ASN A 300 -6.94 -8.82 -6.79
CA ASN A 300 -5.56 -8.94 -6.36
C ASN A 300 -4.67 -9.41 -7.53
N VAL A 301 -5.23 -10.29 -8.35
CA VAL A 301 -4.51 -10.82 -9.52
C VAL A 301 -4.22 -9.70 -10.51
N LEU A 302 -5.21 -8.84 -10.73
CA LEU A 302 -5.06 -7.75 -11.66
C LEU A 302 -3.95 -6.80 -11.19
N TRP A 303 -3.90 -6.46 -9.91
CA TRP A 303 -2.83 -5.60 -9.41
C TRP A 303 -1.49 -6.28 -9.54
N LEU A 304 -1.45 -7.60 -9.30
CA LEU A 304 -0.19 -8.33 -9.47
C LEU A 304 0.25 -8.29 -10.93
N HIS A 305 -0.71 -8.34 -11.85
CA HIS A 305 -0.41 -8.29 -13.26
C HIS A 305 0.14 -6.91 -13.61
N TYR A 306 -0.53 -5.87 -13.11
CA TYR A 306 -0.06 -4.50 -13.25
C TYR A 306 1.37 -4.36 -12.74
N LEU A 307 1.67 -4.99 -11.61
CA LEU A 307 3.01 -4.88 -11.03
C LEU A 307 4.03 -5.66 -11.85
N THR A 308 3.68 -6.85 -12.34
CA THR A 308 4.61 -7.62 -13.16
C THR A 308 4.98 -6.84 -14.42
N ASP A 309 3.98 -6.15 -14.99
CA ASP A 309 4.14 -5.30 -16.16
C ASP A 309 5.15 -4.18 -15.91
N LYS A 310 5.08 -3.56 -14.74
CA LYS A 310 5.98 -2.49 -14.40
C LYS A 310 7.40 -3.03 -14.32
N MET A 311 7.57 -4.21 -13.72
N MET A 311 7.54 -4.23 -13.73
CA MET A 311 8.90 -4.78 -13.61
CA MET A 311 8.83 -4.88 -13.55
C MET A 311 9.51 -5.07 -14.98
C MET A 311 9.48 -5.22 -14.90
N LEU A 312 8.67 -5.51 -15.92
CA LEU A 312 9.18 -5.94 -17.21
C LEU A 312 9.39 -4.76 -18.15
N LYS A 313 8.87 -3.56 -17.85
CA LYS A 313 8.78 -2.49 -18.83
C LYS A 313 9.31 -1.15 -18.31
N GLN A 314 9.18 -0.91 -17.02
CA GLN A 314 9.42 0.44 -16.56
C GLN A 314 10.52 0.41 -15.50
N MET A 315 11.23 -0.72 -15.42
CA MET A 315 12.30 -0.82 -14.46
C MET A 315 13.60 -1.23 -15.13
N THR A 316 14.70 -0.84 -14.51
CA THR A 316 16.00 -1.28 -14.97
C THR A 316 16.91 -1.64 -13.80
N PHE A 317 17.71 -2.66 -14.05
CA PHE A 317 18.45 -3.42 -13.07
C PHE A 317 19.95 -3.13 -13.20
N LYS A 318 20.60 -3.09 -12.03
CA LYS A 318 22.02 -2.90 -11.97
C LYS A 318 22.68 -4.03 -12.76
N THR A 319 22.21 -5.26 -12.59
CA THR A 319 22.72 -6.38 -13.36
C THR A 319 21.68 -6.75 -14.43
N LYS A 320 22.13 -6.75 -15.68
CA LYS A 320 21.31 -7.22 -16.78
C LYS A 320 21.19 -8.74 -16.74
N CYS A 321 20.33 -9.24 -17.64
CA CYS A 321 19.94 -10.63 -17.78
C CYS A 321 20.78 -11.33 -18.85
N ASN A 322 22.12 -11.20 -18.79
CA ASN A 322 22.98 -11.66 -19.85
C ASN A 322 23.75 -12.92 -19.45
N THR A 323 23.30 -13.54 -18.37
CA THR A 323 23.78 -14.86 -17.99
C THR A 323 22.64 -15.86 -18.16
N PRO A 324 22.90 -17.15 -18.45
CA PRO A 324 21.81 -18.11 -18.63
C PRO A 324 20.85 -18.19 -17.43
N ALA A 325 21.39 -18.23 -16.21
CA ALA A 325 20.54 -18.32 -15.02
C ALA A 325 19.58 -17.14 -14.91
N MET A 326 20.06 -15.93 -15.26
CA MET A 326 19.21 -14.76 -15.14
C MET A 326 18.22 -14.77 -16.30
N LYS A 327 18.62 -15.30 -17.45
CA LYS A 327 17.71 -15.39 -18.60
C LYS A 327 16.48 -16.24 -18.22
N GLN A 328 16.69 -17.39 -17.53
CA GLN A 328 15.59 -18.30 -17.23
C GLN A 328 14.63 -17.58 -16.30
N ILE A 329 15.16 -16.76 -15.40
CA ILE A 329 14.28 -16.00 -14.52
C ILE A 329 13.41 -15.05 -15.35
N LYS A 330 14.01 -14.35 -16.32
CA LYS A 330 13.20 -13.44 -17.12
C LYS A 330 12.10 -14.21 -17.85
N ARG A 331 12.44 -15.38 -18.42
CA ARG A 331 11.46 -16.14 -19.17
C ARG A 331 10.31 -16.51 -18.24
N LYS A 332 10.64 -16.84 -16.98
CA LYS A 332 9.63 -17.27 -16.03
C LYS A 332 8.70 -16.11 -15.66
N ILE A 333 9.26 -14.90 -15.55
CA ILE A 333 8.42 -13.76 -15.20
C ILE A 333 7.57 -13.37 -16.41
N GLN A 334 8.14 -13.38 -17.62
CA GLN A 334 7.34 -13.18 -18.82
C GLN A 334 6.20 -14.21 -18.90
N GLU A 335 6.50 -15.49 -18.65
CA GLU A 335 5.47 -16.51 -18.64
C GLU A 335 4.41 -16.20 -17.58
N PHE A 336 4.81 -15.67 -16.42
CA PHE A 336 3.87 -15.30 -15.39
C PHE A 336 2.96 -14.17 -15.89
N HIS A 337 3.57 -13.15 -16.51
CA HIS A 337 2.85 -12.00 -17.08
C HIS A 337 1.75 -12.49 -18.03
N ARG A 338 2.04 -13.53 -18.81
CA ARG A 338 1.10 -13.89 -19.86
C ARG A 338 0.13 -14.98 -19.39
N THR A 339 0.32 -15.61 -18.22
CA THR A 339 -0.59 -16.67 -17.80
C THR A 339 -1.37 -16.30 -16.53
N MET A 340 -0.89 -15.33 -15.76
CA MET A 340 -1.44 -15.11 -14.42
C MET A 340 -2.92 -14.70 -14.41
N LEU A 341 -3.36 -13.99 -15.45
CA LEU A 341 -4.74 -13.50 -15.47
C LEU A 341 -5.73 -14.66 -15.62
N ASN A 342 -5.26 -15.90 -15.77
CA ASN A 342 -6.12 -17.06 -15.78
C ASN A 342 -6.23 -17.68 -14.39
N PHE A 343 -5.77 -17.00 -13.34
CA PHE A 343 -5.84 -17.49 -11.96
C PHE A 343 -6.89 -16.67 -11.24
N SER A 344 -7.48 -17.22 -10.20
CA SER A 344 -8.69 -16.62 -9.65
C SER A 344 -8.42 -15.75 -8.42
N SER A 345 -7.18 -15.81 -7.88
CA SER A 345 -6.84 -15.13 -6.65
C SER A 345 -5.33 -15.18 -6.45
N ALA A 346 -4.84 -14.41 -5.48
CA ALA A 346 -3.44 -14.48 -5.09
C ALA A 346 -3.09 -15.86 -4.52
N THR A 347 -4.02 -16.44 -3.77
CA THR A 347 -3.89 -17.78 -3.20
C THR A 347 -3.63 -18.78 -4.32
N ASP A 348 -4.43 -18.70 -5.38
CA ASP A 348 -4.35 -19.57 -6.55
C ASP A 348 -2.95 -19.46 -7.16
N LEU A 349 -2.47 -18.23 -7.39
CA LEU A 349 -1.14 -17.97 -7.94
C LEU A 349 -0.08 -18.59 -7.03
N LEU A 350 -0.15 -18.28 -5.73
CA LEU A 350 0.91 -18.74 -4.85
C LEU A 350 1.02 -20.27 -4.87
N CYS A 351 -0.14 -20.95 -4.70
CA CYS A 351 -0.21 -22.39 -4.56
C CYS A 351 0.01 -23.11 -5.88
N GLN A 352 -0.30 -22.48 -7.03
CA GLN A 352 -0.32 -23.22 -8.27
C GLN A 352 0.56 -22.66 -9.39
N HIS A 353 0.99 -21.41 -9.38
CA HIS A 353 1.73 -20.94 -10.52
C HIS A 353 3.17 -21.44 -10.49
N SER A 354 3.70 -21.76 -11.67
CA SER A 354 5.00 -22.39 -11.78
C SER A 354 6.12 -21.43 -11.35
N LEU A 355 5.87 -20.11 -11.40
CA LEU A 355 6.90 -19.15 -11.04
C LEU A 355 7.41 -19.40 -9.61
N PHE A 356 6.54 -19.93 -8.74
CA PHE A 356 6.80 -20.03 -7.31
C PHE A 356 7.09 -21.45 -6.87
N LYS A 357 7.30 -22.36 -7.82
CA LYS A 357 7.74 -23.71 -7.52
C LYS A 357 9.25 -23.72 -7.68
#